data_8PBN
#
_entry.id   8PBN
#
_cell.length_a   81.933
_cell.length_b   158.236
_cell.length_c   61.673
_cell.angle_alpha   90.000
_cell.angle_beta   90.000
_cell.angle_gamma   90.000
#
_symmetry.space_group_name_H-M   'C 2 2 21'
#
loop_
_entity.id
_entity.type
_entity.pdbx_description
1 polymer 'CAD protein'
2 non-polymer '5-FLUORO-2,6-DIOXO-1,2,3,6-TETRAHYDROPYRIMIDINE-4-CARBOXYLIC ACID'
3 non-polymer 'ZINC ION'
4 non-polymer 'FORMIC ACID'
5 non-polymer GLYCEROL
6 water water
#
_entity_poly.entity_id   1
_entity_poly.type   'polypeptide(L)'
_entity_poly.pdbx_seq_one_letter_code
;KLVRLPGLIDVHVHLREPGGTHKEDFASGTAAALAGGITMVCAMPNTRPPIIDAPALALAQKLAEAGARCDFALFLGASS
ENAGTLGTVAGSAAGL(KCX)LYLNETFSELRLDSVVQWMEHFETWPSHLPIVAHAEQQTVAAVLMVAQLTQRSVHICHV
ARKEEILLIKAAKARGLPVTCEVAPHHLFLSHDDLERLGPGKGEVRPELGSRQDVEALWENMAVIDCFASDHAPHTLEEK
CGSRPPPGFPGLETMLPLLLTAVSEGRLSLDDLLQRLHHNPRRIFHLPPQEDTYVEVDLEHEWTIPSHMPFSKAHWTPFE
GQKVKGTVRRVVLQGEVAYIDGQVLVPPGYGQDVRKWPQGAVPQLP
;
_entity_poly.pdbx_strand_id   A
#
loop_
_chem_comp.id
_chem_comp.type
_chem_comp.name
_chem_comp.formula
FMT non-polymer 'FORMIC ACID' 'C H2 O2'
FOT non-polymer '5-FLUORO-2,6-DIOXO-1,2,3,6-TETRAHYDROPYRIMIDINE-4-CARBOXYLIC ACID' 'C5 H3 F N2 O4'
GOL non-polymer GLYCEROL 'C3 H8 O3'
ZN non-polymer 'ZINC ION' 'Zn 2'
#
# COMPACT_ATOMS: atom_id res chain seq x y z
N LYS A 1 -11.63 18.62 -20.91
CA LYS A 1 -10.17 18.56 -20.91
C LYS A 1 -9.68 17.56 -19.88
N LEU A 2 -8.70 16.75 -20.27
CA LEU A 2 -8.10 15.79 -19.36
C LEU A 2 -6.99 16.45 -18.56
N VAL A 3 -6.78 15.96 -17.34
CA VAL A 3 -5.72 16.45 -16.47
C VAL A 3 -4.60 15.42 -16.47
N ARG A 4 -3.37 15.90 -16.70
CA ARG A 4 -2.20 15.04 -16.73
C ARG A 4 -1.56 14.98 -15.35
N LEU A 5 -1.45 13.78 -14.81
CA LEU A 5 -0.80 13.49 -13.56
C LEU A 5 0.49 12.72 -13.78
N PRO A 6 1.46 12.83 -12.89
CA PRO A 6 2.62 11.95 -12.96
C PRO A 6 2.22 10.52 -12.63
N GLY A 7 3.16 9.59 -12.84
CA GLY A 7 2.92 8.19 -12.54
C GLY A 7 2.75 7.97 -11.05
N LEU A 8 1.57 7.52 -10.64
CA LEU A 8 1.28 7.38 -9.22
C LEU A 8 1.83 6.08 -8.66
N ILE A 9 2.11 6.11 -7.36
CA ILE A 9 2.80 5.04 -6.65
C ILE A 9 1.93 4.60 -5.49
N ASP A 10 1.69 3.29 -5.37
CA ASP A 10 0.99 2.70 -4.25
C ASP A 10 1.99 1.84 -3.48
N VAL A 11 2.36 2.27 -2.28
CA VAL A 11 3.41 1.59 -1.53
C VAL A 11 2.88 0.46 -0.67
N HIS A 12 1.63 0.04 -0.90
CA HIS A 12 1.07 -1.00 -0.02
C HIS A 12 0.02 -1.82 -0.76
N VAL A 13 0.48 -2.87 -1.44
CA VAL A 13 -0.43 -3.79 -2.13
C VAL A 13 -0.06 -5.24 -1.80
N HIS A 14 -1.08 -6.10 -1.85
CA HIS A 14 -0.92 -7.54 -1.71
C HIS A 14 -1.28 -8.16 -3.05
N LEU A 15 -0.29 -8.73 -3.73
CA LEU A 15 -0.53 -9.30 -5.05
C LEU A 15 -0.63 -10.83 -5.04
N ARG A 16 -0.48 -11.46 -3.88
CA ARG A 16 -0.90 -12.83 -3.59
C ARG A 16 -0.09 -13.89 -4.33
N GLU A 17 0.84 -13.50 -5.18
CA GLU A 17 1.68 -14.46 -5.86
C GLU A 17 3.07 -14.41 -5.25
N PRO A 18 3.65 -15.53 -4.82
CA PRO A 18 3.17 -16.91 -4.95
C PRO A 18 2.12 -17.34 -3.92
N GLY A 19 1.29 -18.31 -4.26
CA GLY A 19 0.58 -19.10 -3.28
C GLY A 19 -0.89 -18.76 -3.09
N GLY A 20 -1.35 -17.61 -3.57
CA GLY A 20 -2.75 -17.26 -3.43
C GLY A 20 -3.33 -16.74 -4.73
N THR A 21 -2.93 -17.33 -5.85
CA THR A 21 -3.19 -16.71 -7.14
C THR A 21 -4.63 -16.78 -7.58
N HIS A 22 -5.50 -17.49 -6.85
CA HIS A 22 -6.93 -17.38 -7.13
C HIS A 22 -7.49 -16.06 -6.63
N LYS A 23 -6.80 -15.40 -5.70
CA LYS A 23 -7.22 -14.12 -5.17
C LYS A 23 -6.76 -12.97 -6.04
N GLU A 24 -5.61 -13.14 -6.69
CA GLU A 24 -4.87 -12.10 -7.39
C GLU A 24 -3.55 -12.72 -7.83
N ASP A 25 -2.96 -12.27 -8.94
CA ASP A 25 -1.57 -12.58 -9.22
C ASP A 25 -0.91 -11.29 -9.70
N PHE A 26 0.38 -11.36 -9.99
CA PHE A 26 1.07 -10.14 -10.44
C PHE A 26 0.40 -9.55 -11.67
N ALA A 27 0.00 -10.41 -12.62
CA ALA A 27 -0.60 -9.91 -13.85
C ALA A 27 -1.95 -9.24 -13.60
N SER A 28 -2.80 -9.84 -12.78
CA SER A 28 -4.12 -9.25 -12.57
C SER A 28 -4.05 -8.06 -11.62
N GLY A 29 -3.19 -8.15 -10.59
CA GLY A 29 -3.06 -7.05 -9.65
C GLY A 29 -2.46 -5.81 -10.29
N THR A 30 -1.47 -5.97 -11.16
CA THR A 30 -0.90 -4.80 -11.81
C THR A 30 -1.78 -4.28 -12.94
N ALA A 31 -2.63 -5.12 -13.53
CA ALA A 31 -3.68 -4.61 -14.40
C ALA A 31 -4.62 -3.71 -13.59
N ALA A 32 -5.02 -4.16 -12.41
CA ALA A 32 -5.83 -3.34 -11.52
C ALA A 32 -5.13 -2.04 -11.16
N ALA A 33 -3.82 -2.12 -10.91
CA ALA A 33 -3.06 -0.91 -10.61
C ALA A 33 -3.14 0.08 -11.76
N LEU A 34 -2.86 -0.37 -12.99
CA LEU A 34 -2.87 0.55 -14.13
C LEU A 34 -4.24 1.16 -14.32
N ALA A 35 -5.29 0.35 -14.19
CA ALA A 35 -6.66 0.86 -14.31
C ALA A 35 -6.97 1.89 -13.24
N GLY A 36 -6.28 1.83 -12.11
CA GLY A 36 -6.41 2.82 -11.07
C GLY A 36 -5.48 3.99 -11.18
N GLY A 37 -4.75 4.12 -12.29
CA GLY A 37 -3.82 5.22 -12.46
C GLY A 37 -2.51 5.06 -11.73
N ILE A 38 -2.19 3.83 -11.31
CA ILE A 38 -1.00 3.53 -10.53
CA ILE A 38 -0.99 3.54 -10.55
C ILE A 38 0.01 2.86 -11.47
N THR A 39 1.21 3.42 -11.54
CA THR A 39 2.24 2.90 -12.42
C THR A 39 3.38 2.20 -11.68
N MET A 40 3.41 2.22 -10.35
CA MET A 40 4.42 1.46 -9.63
C MET A 40 3.82 1.07 -8.28
N VAL A 41 4.09 -0.16 -7.87
CA VAL A 41 3.52 -0.71 -6.64
C VAL A 41 4.62 -1.35 -5.81
N CYS A 42 4.43 -1.35 -4.49
CA CYS A 42 5.30 -2.05 -3.55
C CYS A 42 4.48 -3.19 -2.94
N ALA A 43 4.93 -4.42 -3.15
CA ALA A 43 4.16 -5.60 -2.83
C ALA A 43 4.60 -6.20 -1.50
N MET A 44 3.62 -6.43 -0.63
CA MET A 44 3.83 -6.92 0.72
C MET A 44 4.26 -8.39 0.71
N PRO A 45 4.93 -8.84 1.77
CA PRO A 45 5.61 -10.15 1.74
C PRO A 45 4.82 -11.32 2.34
N ASN A 46 3.55 -11.14 2.70
CA ASN A 46 2.81 -12.21 3.38
C ASN A 46 2.16 -13.17 2.39
N THR A 47 2.96 -13.58 1.40
CA THR A 47 2.55 -14.58 0.43
C THR A 47 2.80 -15.98 1.00
N ARG A 48 2.54 -17.00 0.19
CA ARG A 48 2.77 -18.39 0.57
C ARG A 48 3.63 -19.06 -0.51
N PRO A 49 4.94 -19.26 -0.24
CA PRO A 49 5.68 -18.98 0.99
C PRO A 49 5.88 -17.49 1.21
N PRO A 50 6.01 -17.05 2.46
CA PRO A 50 6.26 -15.63 2.72
C PRO A 50 7.67 -15.22 2.33
N ILE A 51 7.82 -13.96 1.94
CA ILE A 51 9.10 -13.44 1.47
C ILE A 51 9.95 -13.06 2.67
N ILE A 52 10.53 -14.06 3.33
CA ILE A 52 11.24 -13.87 4.58
C ILE A 52 12.68 -14.37 4.51
N ASP A 53 13.16 -14.72 3.31
CA ASP A 53 14.55 -15.13 3.15
CA ASP A 53 14.52 -15.21 3.14
C ASP A 53 14.92 -14.96 1.69
N ALA A 54 16.22 -15.12 1.42
CA ALA A 54 16.71 -14.84 0.08
C ALA A 54 16.10 -15.76 -0.97
N PRO A 55 15.97 -17.07 -0.75
CA PRO A 55 15.34 -17.90 -1.80
C PRO A 55 13.93 -17.48 -2.14
N ALA A 56 13.12 -17.12 -1.14
CA ALA A 56 11.75 -16.71 -1.41
C ALA A 56 11.72 -15.39 -2.18
N LEU A 57 12.61 -14.46 -1.84
CA LEU A 57 12.72 -13.22 -2.59
C LEU A 57 13.14 -13.48 -4.03
N ALA A 58 14.07 -14.40 -4.23
CA ALA A 58 14.50 -14.73 -5.59
C ALA A 58 13.33 -15.24 -6.41
N LEU A 59 12.50 -16.11 -5.83
CA LEU A 59 11.34 -16.62 -6.55
C LEU A 59 10.36 -15.50 -6.85
N ALA A 60 10.04 -14.68 -5.85
CA ALA A 60 9.08 -13.60 -6.06
C ALA A 60 9.57 -12.63 -7.13
N GLN A 61 10.88 -12.34 -7.15
CA GLN A 61 11.41 -11.44 -8.16
C GLN A 61 11.13 -11.96 -9.56
N LYS A 62 11.36 -13.25 -9.80
CA LYS A 62 11.13 -13.79 -11.14
C LYS A 62 9.65 -13.84 -11.46
N LEU A 63 8.81 -14.22 -10.50
CA LEU A 63 7.37 -14.21 -10.73
C LEU A 63 6.88 -12.81 -11.09
N ALA A 64 7.38 -11.79 -10.38
CA ALA A 64 6.98 -10.42 -10.67
C ALA A 64 7.53 -9.95 -12.00
N GLU A 65 8.79 -10.27 -12.30
CA GLU A 65 9.34 -9.83 -13.58
C GLU A 65 8.61 -10.48 -14.75
N ALA A 66 8.05 -11.67 -14.54
CA ALA A 66 7.32 -12.35 -15.62
C ALA A 66 5.86 -11.94 -15.69
N GLY A 67 5.28 -11.49 -14.58
CA GLY A 67 3.86 -11.23 -14.52
C GLY A 67 3.45 -9.77 -14.41
N ALA A 68 4.30 -8.94 -13.82
CA ALA A 68 3.92 -7.55 -13.57
C ALA A 68 3.77 -6.78 -14.87
N ARG A 69 2.69 -5.98 -14.94
CA ARG A 69 2.47 -5.08 -16.07
C ARG A 69 2.89 -3.64 -15.77
N CYS A 70 3.07 -3.28 -14.51
CA CYS A 70 3.63 -2.00 -14.12
C CYS A 70 4.88 -2.26 -13.29
N ASP A 71 5.61 -1.19 -12.98
CA ASP A 71 6.87 -1.38 -12.26
C ASP A 71 6.57 -1.62 -10.77
N PHE A 72 7.58 -2.12 -10.07
CA PHE A 72 7.33 -2.63 -8.74
C PHE A 72 8.60 -2.69 -7.93
N ALA A 73 8.42 -2.81 -6.61
CA ALA A 73 9.45 -3.23 -5.68
C ALA A 73 8.80 -4.21 -4.72
N LEU A 74 9.61 -5.12 -4.17
CA LEU A 74 9.11 -6.18 -3.32
C LEU A 74 9.62 -6.00 -1.90
N PHE A 75 8.69 -5.99 -0.93
CA PHE A 75 9.08 -5.95 0.46
C PHE A 75 9.63 -7.30 0.91
N LEU A 76 10.59 -7.25 1.83
CA LEU A 76 10.92 -8.38 2.67
C LEU A 76 10.07 -8.30 3.94
N GLY A 77 9.84 -9.45 4.56
CA GLY A 77 9.06 -9.53 5.79
C GLY A 77 9.92 -9.99 6.94
N ALA A 78 9.71 -9.37 8.10
CA ALA A 78 10.41 -9.78 9.32
C ALA A 78 9.78 -11.04 9.90
N SER A 79 10.62 -11.94 10.40
CA SER A 79 10.16 -13.11 11.12
C SER A 79 10.91 -13.23 12.44
N SER A 80 10.54 -14.24 13.22
CA SER A 80 11.22 -14.54 14.48
C SER A 80 12.60 -15.17 14.28
N GLU A 81 12.99 -15.45 13.04
CA GLU A 81 14.23 -16.16 12.76
C GLU A 81 15.22 -15.40 11.90
N ASN A 82 14.79 -14.39 11.16
CA ASN A 82 15.61 -13.88 10.06
C ASN A 82 16.30 -12.55 10.37
N ALA A 83 16.20 -12.03 11.59
CA ALA A 83 16.98 -10.85 11.94
C ALA A 83 18.47 -11.17 11.84
N GLY A 84 19.23 -10.28 11.21
CA GLY A 84 20.64 -10.49 11.00
C GLY A 84 21.00 -11.41 9.86
N THR A 85 20.02 -11.85 9.07
CA THR A 85 20.28 -12.73 7.94
C THR A 85 19.99 -12.09 6.59
N LEU A 86 19.43 -10.88 6.56
CA LEU A 86 18.93 -10.29 5.33
C LEU A 86 19.88 -9.27 4.72
N GLY A 87 21.09 -9.12 5.28
CA GLY A 87 21.94 -8.02 4.89
C GLY A 87 22.33 -8.02 3.42
N THR A 88 22.53 -9.20 2.84
CA THR A 88 22.98 -9.28 1.45
CA THR A 88 22.99 -9.22 1.45
C THR A 88 21.86 -8.93 0.46
N VAL A 89 20.61 -9.18 0.81
CA VAL A 89 19.49 -8.92 -0.09
C VAL A 89 18.67 -7.70 0.30
N ALA A 90 18.95 -7.08 1.45
CA ALA A 90 18.09 -6.01 1.95
C ALA A 90 17.98 -4.87 0.95
N GLY A 91 19.09 -4.48 0.32
CA GLY A 91 19.04 -3.36 -0.60
C GLY A 91 18.23 -3.61 -1.86
N SER A 92 17.95 -4.88 -2.16
CA SER A 92 17.15 -5.21 -3.33
CA SER A 92 17.14 -5.22 -3.33
C SER A 92 15.65 -5.15 -3.06
N ALA A 93 15.24 -4.99 -1.81
CA ALA A 93 13.83 -4.96 -1.45
C ALA A 93 13.33 -3.53 -1.33
N ALA A 94 12.01 -3.38 -1.44
CA ALA A 94 11.39 -2.09 -1.16
C ALA A 94 11.73 -1.61 0.24
N GLY A 95 11.81 -2.55 1.17
CA GLY A 95 11.99 -2.24 2.58
C GLY A 95 11.70 -3.50 3.37
N LEU A 96 11.71 -3.34 4.70
CA LEU A 96 11.35 -4.43 5.60
C LEU A 96 9.98 -4.12 6.20
N KCX A 97 9.06 -5.08 6.09
CA KCX A 97 7.73 -4.98 6.69
CB KCX A 97 6.65 -5.48 5.72
CG KCX A 97 5.23 -5.63 6.30
CD KCX A 97 4.58 -4.27 6.61
CE KCX A 97 3.10 -4.40 7.03
NZ KCX A 97 2.28 -5.02 5.93
C KCX A 97 7.67 -5.78 7.99
O KCX A 97 8.05 -6.95 8.04
CX KCX A 97 0.96 -5.08 5.98
OQ1 KCX A 97 0.35 -5.61 5.05
OQ2 KCX A 97 0.37 -4.59 6.95
HA KCX A 97 7.57 -4.16 6.86
HB2 KCX A 97 6.89 -6.24 5.42
HB3 KCX A 97 6.60 -4.93 5.07
HG2 KCX A 97 5.28 -6.08 7.02
HG3 KCX A 97 4.74 -6.04 5.74
HD2 KCX A 97 4.62 -3.78 5.92
HD3 KCX A 97 4.99 -3.91 7.26
HE2 KCX A 97 2.79 -3.62 7.19
HE3 KCX A 97 3.04 -4.88 7.72
HZ KCX A 97 2.69 -5.36 5.25
N LEU A 98 7.22 -5.14 9.05
N LEU A 98 7.17 -5.12 9.02
CA LEU A 98 6.96 -5.81 10.31
CA LEU A 98 6.93 -5.74 10.32
C LEU A 98 5.46 -5.92 10.54
C LEU A 98 5.42 -5.92 10.51
N TYR A 99 4.97 -7.15 10.75
CA TYR A 99 3.58 -7.40 11.15
C TYR A 99 3.54 -7.49 12.67
N LEU A 100 3.12 -6.42 13.32
CA LEU A 100 3.20 -6.34 14.77
C LEU A 100 1.89 -6.68 15.47
N ASN A 101 0.80 -6.83 14.74
CA ASN A 101 -0.47 -7.29 15.28
C ASN A 101 -0.79 -8.66 14.68
N GLU A 102 -2.01 -8.91 14.23
CA GLU A 102 -2.38 -10.24 13.76
C GLU A 102 -1.69 -10.55 12.44
N THR A 103 -1.25 -11.79 12.30
CA THR A 103 -0.61 -12.26 11.08
C THR A 103 -0.52 -13.79 11.11
N PHE A 104 -0.03 -14.33 9.99
CA PHE A 104 0.27 -15.76 9.90
C PHE A 104 1.47 -16.12 10.76
N SER A 105 1.51 -17.37 11.19
CA SER A 105 2.55 -17.80 12.14
C SER A 105 3.94 -17.43 11.66
N GLU A 106 4.22 -17.57 10.36
CA GLU A 106 5.58 -17.36 9.89
C GLU A 106 6.06 -15.92 10.02
N LEU A 107 5.14 -14.95 10.10
CA LEU A 107 5.48 -13.53 10.21
C LEU A 107 5.23 -13.00 11.62
N ARG A 108 4.79 -13.86 12.53
CA ARG A 108 4.45 -13.41 13.87
C ARG A 108 5.72 -13.14 14.66
N LEU A 109 5.76 -11.99 15.31
CA LEU A 109 6.81 -11.63 16.24
C LEU A 109 6.19 -11.71 17.64
N ASP A 110 6.79 -12.50 18.51
CA ASP A 110 6.20 -12.75 19.83
C ASP A 110 6.72 -11.81 20.90
N SER A 111 7.72 -10.99 20.60
CA SER A 111 8.35 -10.17 21.62
C SER A 111 8.86 -8.88 21.03
N VAL A 112 8.70 -7.79 21.79
CA VAL A 112 9.25 -6.51 21.34
CA VAL A 112 9.25 -6.51 21.35
C VAL A 112 10.76 -6.59 21.15
N VAL A 113 11.42 -7.53 21.84
CA VAL A 113 12.85 -7.71 21.68
C VAL A 113 13.18 -8.12 20.25
N GLN A 114 12.31 -8.91 19.63
CA GLN A 114 12.47 -9.26 18.22
C GLN A 114 12.31 -8.04 17.33
N TRP A 115 11.42 -7.12 17.68
CA TRP A 115 11.35 -5.87 16.92
C TRP A 115 12.68 -5.13 17.05
N MET A 116 13.21 -5.03 18.27
N MET A 116 13.21 -5.03 18.27
CA MET A 116 14.49 -4.37 18.51
CA MET A 116 14.49 -4.35 18.49
C MET A 116 15.57 -4.97 17.62
C MET A 116 15.59 -4.96 17.64
N GLU A 117 15.65 -6.30 17.59
CA GLU A 117 16.68 -6.97 16.83
C GLU A 117 16.61 -6.63 15.36
N HIS A 118 15.40 -6.53 14.81
CA HIS A 118 15.27 -6.15 13.40
C HIS A 118 15.71 -4.72 13.18
N PHE A 119 15.31 -3.80 14.07
CA PHE A 119 15.73 -2.41 13.92
C PHE A 119 17.24 -2.27 14.05
N GLU A 120 17.88 -3.15 14.84
CA GLU A 120 19.32 -3.09 15.03
C GLU A 120 20.08 -3.68 13.86
N THR A 121 19.54 -4.72 13.21
CA THR A 121 20.28 -5.46 12.19
C THR A 121 19.94 -5.04 10.77
N TRP A 122 18.69 -4.66 10.49
CA TRP A 122 18.34 -4.17 9.16
C TRP A 122 19.18 -2.94 8.83
N PRO A 123 19.72 -2.81 7.62
CA PRO A 123 20.61 -1.69 7.32
C PRO A 123 19.92 -0.36 7.61
N SER A 124 20.66 0.54 8.26
CA SER A 124 20.05 1.75 8.80
C SER A 124 19.56 2.71 7.72
N HIS A 125 20.03 2.58 6.47
CA HIS A 125 19.63 3.50 5.42
C HIS A 125 18.39 3.02 4.67
N LEU A 126 17.86 1.85 4.98
CA LEU A 126 16.78 1.24 4.22
C LEU A 126 15.45 1.31 4.98
N PRO A 127 14.34 1.33 4.26
CA PRO A 127 13.05 1.58 4.91
C PRO A 127 12.58 0.42 5.79
N ILE A 128 11.91 0.78 6.88
CA ILE A 128 11.14 -0.15 7.71
C ILE A 128 9.72 0.38 7.81
N VAL A 129 8.74 -0.46 7.49
CA VAL A 129 7.33 -0.14 7.65
C VAL A 129 6.70 -1.16 8.59
N ALA A 130 5.64 -0.74 9.28
CA ALA A 130 5.02 -1.59 10.29
C ALA A 130 3.50 -1.53 10.20
N HIS A 131 2.88 -2.71 10.23
CA HIS A 131 1.49 -2.84 10.63
C HIS A 131 1.45 -2.69 12.15
N ALA A 132 0.95 -1.55 12.63
CA ALA A 132 1.04 -1.24 14.05
C ALA A 132 -0.22 -0.46 14.43
N GLU A 133 -1.14 -1.13 15.13
CA GLU A 133 -2.42 -0.55 15.50
C GLU A 133 -2.45 -0.08 16.94
N GLN A 134 -3.14 1.03 17.18
CA GLN A 134 -3.45 1.56 18.52
C GLN A 134 -2.14 1.65 19.30
N GLN A 135 -2.04 1.06 20.49
N GLN A 135 -2.05 1.05 20.49
CA GLN A 135 -0.82 1.29 21.26
CA GLN A 135 -0.85 1.18 21.29
C GLN A 135 0.43 0.68 20.62
C GLN A 135 0.40 0.76 20.53
N THR A 136 0.26 -0.19 19.61
CA THR A 136 1.43 -0.70 18.90
C THR A 136 2.16 0.40 18.15
N VAL A 137 1.46 1.46 17.74
CA VAL A 137 2.16 2.55 17.08
CA VAL A 137 2.11 2.60 17.10
C VAL A 137 3.11 3.23 18.06
N ALA A 138 2.67 3.47 19.30
CA ALA A 138 3.56 4.04 20.30
C ALA A 138 4.71 3.08 20.61
N ALA A 139 4.41 1.79 20.70
CA ALA A 139 5.45 0.82 21.04
C ALA A 139 6.52 0.76 19.96
N VAL A 140 6.12 0.74 18.68
CA VAL A 140 7.15 0.62 17.65
C VAL A 140 7.89 1.94 17.49
N LEU A 141 7.23 3.07 17.75
CA LEU A 141 7.93 4.35 17.80
C LEU A 141 9.00 4.34 18.88
N MET A 142 8.69 3.76 20.04
N MET A 142 8.70 3.73 20.02
CA MET A 142 9.70 3.66 21.08
CA MET A 142 9.68 3.65 21.09
C MET A 142 10.89 2.84 20.61
C MET A 142 10.87 2.80 20.68
N VAL A 143 10.64 1.73 19.93
CA VAL A 143 11.74 0.90 19.44
C VAL A 143 12.57 1.69 18.43
N ALA A 144 11.91 2.46 17.57
CA ALA A 144 12.63 3.29 16.61
C ALA A 144 13.53 4.30 17.32
N GLN A 145 13.04 4.88 18.42
CA GLN A 145 13.86 5.87 19.12
C GLN A 145 15.05 5.20 19.80
N LEU A 146 14.83 4.03 20.41
CA LEU A 146 15.92 3.32 21.09
C LEU A 146 17.02 2.95 20.11
N THR A 147 16.65 2.64 18.87
CA THR A 147 17.61 2.27 17.85
C THR A 147 17.99 3.44 16.94
N GLN A 148 17.47 4.63 17.25
CA GLN A 148 17.87 5.91 16.63
C GLN A 148 17.65 5.92 15.11
N ARG A 149 16.45 5.54 14.68
CA ARG A 149 16.16 5.54 13.26
C ARG A 149 14.68 5.81 13.04
N SER A 150 14.29 5.84 11.76
CA SER A 150 12.94 6.19 11.34
C SER A 150 12.06 4.95 11.22
N VAL A 151 10.75 5.20 11.15
CA VAL A 151 9.80 4.13 10.88
C VAL A 151 8.61 4.74 10.14
N HIS A 152 7.98 3.93 9.30
CA HIS A 152 6.80 4.32 8.54
C HIS A 152 5.63 3.46 9.01
N ILE A 153 4.52 4.10 9.36
CA ILE A 153 3.36 3.40 9.90
C ILE A 153 2.36 3.14 8.77
N CYS A 154 2.06 1.86 8.53
CA CYS A 154 1.09 1.51 7.51
C CYS A 154 -0.33 1.81 7.99
N HIS A 155 -1.23 1.92 7.00
CA HIS A 155 -2.66 2.18 7.16
C HIS A 155 -3.09 2.68 8.53
N VAL A 156 -2.86 3.97 8.79
CA VAL A 156 -3.40 4.62 9.97
C VAL A 156 -4.90 4.77 9.79
N ALA A 157 -5.66 4.34 10.82
CA ALA A 157 -7.10 4.17 10.68
C ALA A 157 -7.92 4.78 11.81
N ARG A 158 -7.27 5.37 12.82
CA ARG A 158 -7.96 5.80 14.01
C ARG A 158 -7.52 7.20 14.41
N LYS A 159 -8.45 7.94 15.03
CA LYS A 159 -8.10 9.23 15.62
C LYS A 159 -6.95 9.07 16.61
N GLU A 160 -7.01 8.03 17.45
CA GLU A 160 -5.94 7.76 18.41
C GLU A 160 -4.58 7.72 17.73
N GLU A 161 -4.50 7.04 16.58
CA GLU A 161 -3.22 6.78 15.94
C GLU A 161 -2.68 8.04 15.26
N ILE A 162 -3.54 8.77 14.53
CA ILE A 162 -3.05 9.94 13.83
C ILE A 162 -2.67 11.04 14.83
N LEU A 163 -3.36 11.11 15.97
CA LEU A 163 -3.00 12.12 16.96
C LEU A 163 -1.69 11.78 17.64
N LEU A 164 -1.44 10.48 17.87
CA LEU A 164 -0.16 10.07 18.42
CA LEU A 164 -0.16 10.07 18.42
C LEU A 164 0.98 10.40 17.45
N ILE A 165 0.79 10.09 16.18
CA ILE A 165 1.80 10.41 15.17
C ILE A 165 1.99 11.92 15.08
N LYS A 166 0.89 12.67 15.17
CA LYS A 166 1.00 14.13 15.15
CA LYS A 166 0.98 14.13 15.16
C LYS A 166 1.85 14.63 16.30
N ALA A 167 1.67 14.06 17.50
CA ALA A 167 2.49 14.45 18.64
C ALA A 167 3.95 14.08 18.43
N ALA A 168 4.20 12.91 17.83
CA ALA A 168 5.57 12.52 17.56
C ALA A 168 6.24 13.47 16.58
N LYS A 169 5.52 13.87 15.52
CA LYS A 169 6.10 14.80 14.56
C LYS A 169 6.37 16.16 15.19
N ALA A 170 5.50 16.60 16.10
CA ALA A 170 5.73 17.86 16.79
C ALA A 170 7.00 17.82 17.61
N ARG A 171 7.43 16.63 18.04
CA ARG A 171 8.67 16.49 18.78
C ARG A 171 9.86 16.22 17.87
N GLY A 172 9.67 16.28 16.55
CA GLY A 172 10.77 16.12 15.64
C GLY A 172 11.18 14.70 15.39
N LEU A 173 10.33 13.74 15.72
CA LEU A 173 10.70 12.34 15.56
C LEU A 173 10.53 11.92 14.10
N PRO A 174 11.45 11.09 13.59
CA PRO A 174 11.36 10.66 12.20
C PRO A 174 10.35 9.53 12.02
N VAL A 175 9.10 9.90 11.81
CA VAL A 175 8.01 8.97 11.56
C VAL A 175 7.17 9.51 10.41
N THR A 176 6.82 8.64 9.47
CA THR A 176 5.88 8.96 8.41
C THR A 176 4.75 7.94 8.48
N CYS A 177 3.69 8.21 7.72
CA CYS A 177 2.54 7.31 7.77
C CYS A 177 1.71 7.42 6.50
N GLU A 178 0.90 6.40 6.30
CA GLU A 178 0.02 6.29 5.15
C GLU A 178 -1.39 6.02 5.66
N VAL A 179 -2.37 6.38 4.84
CA VAL A 179 -3.78 6.10 5.13
C VAL A 179 -4.41 5.47 3.90
N ALA A 180 -5.25 4.45 4.12
CA ALA A 180 -5.91 3.74 3.04
C ALA A 180 -7.30 4.31 2.79
N PRO A 181 -7.80 4.17 1.56
CA PRO A 181 -9.07 4.84 1.21
C PRO A 181 -10.25 4.36 2.04
N HIS A 182 -10.31 3.07 2.39
CA HIS A 182 -11.47 2.61 3.14
C HIS A 182 -11.56 3.29 4.51
N HIS A 183 -10.46 3.76 5.05
CA HIS A 183 -10.50 4.45 6.33
C HIS A 183 -10.80 5.93 6.19
N LEU A 184 -10.90 6.43 4.95
CA LEU A 184 -11.37 7.78 4.68
C LEU A 184 -12.79 7.84 4.14
N PHE A 185 -13.27 6.75 3.54
CA PHE A 185 -14.52 6.74 2.80
C PHE A 185 -15.51 5.69 3.27
N LEU A 186 -15.16 4.91 4.29
CA LEU A 186 -16.05 3.94 4.91
C LEU A 186 -15.90 4.04 6.42
N SER A 187 -16.91 3.57 7.14
CA SER A 187 -16.90 3.63 8.60
C SER A 187 -17.83 2.56 9.15
N HIS A 188 -18.01 2.58 10.48
CA HIS A 188 -18.96 1.68 11.12
C HIS A 188 -20.34 1.77 10.49
N ASP A 189 -20.71 2.96 10.02
CA ASP A 189 -22.03 3.16 9.44
C ASP A 189 -22.26 2.27 8.23
N ASP A 190 -21.20 1.73 7.63
CA ASP A 190 -21.31 0.90 6.45
C ASP A 190 -21.34 -0.59 6.76
N LEU A 191 -21.18 -0.97 8.03
CA LEU A 191 -21.08 -2.38 8.37
C LEU A 191 -22.40 -3.11 8.17
N GLU A 192 -23.53 -2.42 8.33
N GLU A 192 -23.53 -2.43 8.35
CA GLU A 192 -24.82 -3.07 8.12
CA GLU A 192 -24.81 -3.11 8.11
C GLU A 192 -24.99 -3.46 6.65
C GLU A 192 -24.95 -3.50 6.64
N ARG A 193 -24.59 -2.58 5.73
CA ARG A 193 -24.66 -2.91 4.31
C ARG A 193 -23.66 -4.00 3.95
N LEU A 194 -22.43 -3.88 4.44
CA LEU A 194 -21.37 -4.80 4.04
C LEU A 194 -21.61 -6.19 4.61
N GLY A 195 -22.13 -6.28 5.83
CA GLY A 195 -22.19 -7.54 6.53
C GLY A 195 -20.89 -7.83 7.23
N PRO A 196 -20.89 -8.80 8.14
CA PRO A 196 -19.70 -9.05 8.96
C PRO A 196 -18.56 -9.75 8.24
N GLY A 197 -18.83 -10.46 7.15
CA GLY A 197 -17.77 -11.11 6.40
C GLY A 197 -17.05 -10.13 5.50
N LYS A 198 -17.80 -9.50 4.58
CA LYS A 198 -17.21 -8.50 3.71
C LYS A 198 -16.52 -7.41 4.50
N GLY A 199 -17.10 -7.02 5.65
CA GLY A 199 -16.59 -5.92 6.43
C GLY A 199 -15.33 -6.21 7.20
N GLU A 200 -14.88 -7.46 7.21
CA GLU A 200 -13.65 -7.79 7.93
C GLU A 200 -12.45 -7.14 7.26
N VAL A 201 -11.69 -6.37 8.02
CA VAL A 201 -10.44 -5.78 7.54
C VAL A 201 -9.61 -5.44 8.78
N ARG A 202 -8.30 -5.38 8.60
CA ARG A 202 -7.37 -5.03 9.67
C ARG A 202 -6.44 -3.96 9.13
N PRO A 203 -6.42 -2.74 9.67
CA PRO A 203 -7.27 -2.24 10.77
C PRO A 203 -8.75 -2.21 10.41
N GLU A 204 -9.61 -2.45 11.39
CA GLU A 204 -11.05 -2.46 11.14
C GLU A 204 -11.55 -1.08 10.74
N LEU A 205 -12.74 -1.06 10.14
CA LEU A 205 -13.37 0.22 9.88
C LEU A 205 -13.57 0.98 11.18
N GLY A 206 -13.35 2.30 11.11
CA GLY A 206 -13.44 3.15 12.27
C GLY A 206 -14.79 3.81 12.42
N SER A 207 -14.93 4.53 13.53
CA SER A 207 -16.11 5.34 13.77
C SER A 207 -16.11 6.54 12.84
N ARG A 208 -17.27 7.21 12.76
CA ARG A 208 -17.33 8.49 12.06
C ARG A 208 -16.33 9.49 12.63
N GLN A 209 -16.08 9.43 13.95
CA GLN A 209 -15.09 10.32 14.56
C GLN A 209 -13.68 9.98 14.10
N ASP A 210 -13.37 8.68 13.97
CA ASP A 210 -12.08 8.27 13.40
C ASP A 210 -11.91 8.86 12.00
N VAL A 211 -12.91 8.68 11.14
CA VAL A 211 -12.82 9.14 9.75
C VAL A 211 -12.65 10.66 9.73
N GLU A 212 -13.48 11.36 10.51
CA GLU A 212 -13.40 12.82 10.57
CA GLU A 212 -13.38 12.82 10.53
C GLU A 212 -12.02 13.27 11.05
N ALA A 213 -11.43 12.52 11.99
CA ALA A 213 -10.12 12.89 12.52
C ALA A 213 -9.03 12.75 11.47
N LEU A 214 -9.09 11.70 10.64
CA LEU A 214 -8.08 11.55 9.61
C LEU A 214 -8.16 12.72 8.61
N TRP A 215 -9.38 13.07 8.18
CA TRP A 215 -9.54 14.21 7.28
C TRP A 215 -9.06 15.51 7.91
N GLU A 216 -9.43 15.74 9.17
CA GLU A 216 -9.02 16.96 9.86
C GLU A 216 -7.51 17.05 9.97
N ASN A 217 -6.83 15.91 10.09
CA ASN A 217 -5.39 15.86 10.24
C ASN A 217 -4.68 15.41 8.96
N MET A 218 -5.23 15.80 7.81
CA MET A 218 -4.60 15.47 6.54
C MET A 218 -3.14 15.90 6.50
N ALA A 219 -2.79 17.01 7.15
CA ALA A 219 -1.41 17.48 7.14
C ALA A 219 -0.45 16.45 7.72
N VAL A 220 -0.95 15.54 8.57
CA VAL A 220 -0.12 14.54 9.22
C VAL A 220 0.05 13.30 8.35
N ILE A 221 -0.78 13.13 7.34
CA ILE A 221 -0.75 11.95 6.47
C ILE A 221 0.28 12.20 5.37
N ASP A 222 1.31 11.35 5.32
CA ASP A 222 2.34 11.52 4.30
C ASP A 222 1.93 10.88 2.98
N CYS A 223 1.32 9.70 3.03
CA CYS A 223 1.00 8.94 1.83
C CYS A 223 -0.44 8.44 1.89
N PHE A 224 -1.03 8.25 0.72
CA PHE A 224 -2.15 7.34 0.58
C PHE A 224 -1.61 6.04 0.01
N ALA A 225 -2.18 4.91 0.44
CA ALA A 225 -1.79 3.60 -0.06
C ALA A 225 -3.00 2.69 0.10
N SER A 226 -3.23 1.83 -0.88
CA SER A 226 -4.53 1.15 -0.92
C SER A 226 -4.68 0.07 0.14
N ASP A 227 -3.58 -0.54 0.59
CA ASP A 227 -3.61 -1.85 1.22
C ASP A 227 -4.56 -2.77 0.43
N HIS A 228 -4.33 -2.82 -0.87
CA HIS A 228 -5.00 -3.75 -1.76
C HIS A 228 -4.80 -5.17 -1.22
N ALA A 229 -5.87 -5.76 -0.70
CA ALA A 229 -5.81 -7.03 0.03
C ALA A 229 -6.92 -7.93 -0.51
N PRO A 230 -6.72 -8.47 -1.71
CA PRO A 230 -7.82 -9.16 -2.39
C PRO A 230 -8.04 -10.56 -1.85
N HIS A 231 -9.32 -10.87 -1.66
CA HIS A 231 -9.83 -12.21 -1.39
C HIS A 231 -11.11 -12.35 -2.20
N THR A 232 -11.47 -13.59 -2.53
CA THR A 232 -12.67 -13.79 -3.32
C THR A 232 -13.92 -13.59 -2.46
N LEU A 233 -15.05 -13.34 -3.12
CA LEU A 233 -16.31 -13.18 -2.41
C LEU A 233 -16.63 -14.42 -1.60
N GLU A 234 -16.41 -15.60 -2.19
CA GLU A 234 -16.61 -16.85 -1.47
C GLU A 234 -15.84 -16.86 -0.16
N GLU A 235 -14.60 -16.37 -0.17
CA GLU A 235 -13.81 -16.34 1.06
C GLU A 235 -14.35 -15.29 2.01
N LYS A 236 -14.69 -14.11 1.50
CA LYS A 236 -15.17 -13.02 2.36
C LYS A 236 -16.52 -13.36 3.00
N CYS A 237 -17.34 -14.18 2.33
N CYS A 237 -17.34 -14.18 2.33
CA CYS A 237 -18.67 -14.50 2.82
CA CYS A 237 -18.68 -14.49 2.81
C CYS A 237 -18.76 -15.88 3.47
C CYS A 237 -18.76 -15.88 3.44
N GLY A 238 -17.63 -16.56 3.62
CA GLY A 238 -17.61 -17.90 4.14
C GLY A 238 -17.44 -17.98 5.63
N SER A 239 -17.07 -19.17 6.11
CA SER A 239 -17.13 -19.45 7.54
C SER A 239 -15.99 -18.82 8.33
N ARG A 240 -14.86 -18.50 7.70
CA ARG A 240 -13.74 -17.83 8.38
C ARG A 240 -13.23 -16.73 7.47
N PRO A 241 -13.97 -15.63 7.36
CA PRO A 241 -13.64 -14.61 6.35
C PRO A 241 -12.30 -13.98 6.63
N PRO A 242 -11.41 -13.95 5.64
CA PRO A 242 -10.13 -13.27 5.84
C PRO A 242 -10.31 -11.77 5.78
N PRO A 243 -9.49 -11.01 6.50
CA PRO A 243 -9.59 -9.56 6.46
C PRO A 243 -8.98 -9.00 5.20
N GLY A 244 -9.58 -7.92 4.71
CA GLY A 244 -9.00 -7.15 3.62
C GLY A 244 -9.98 -6.77 2.54
N PHE A 245 -9.71 -5.62 1.90
CA PHE A 245 -10.46 -5.11 0.78
C PHE A 245 -9.56 -4.99 -0.45
N PRO A 246 -10.08 -5.29 -1.65
CA PRO A 246 -9.40 -4.81 -2.86
C PRO A 246 -9.60 -3.31 -2.97
N GLY A 247 -8.64 -2.63 -3.58
CA GLY A 247 -8.71 -1.18 -3.60
C GLY A 247 -7.94 -0.44 -4.68
N LEU A 248 -7.14 -1.15 -5.47
CA LEU A 248 -6.35 -0.47 -6.48
C LEU A 248 -7.23 0.27 -7.49
N GLU A 249 -8.31 -0.37 -7.93
CA GLU A 249 -9.12 0.24 -8.98
C GLU A 249 -10.03 1.34 -8.46
N THR A 250 -10.23 1.45 -7.14
CA THR A 250 -11.13 2.45 -6.60
C THR A 250 -10.44 3.60 -5.88
N MET A 251 -9.19 3.44 -5.46
CA MET A 251 -8.48 4.52 -4.77
C MET A 251 -8.60 5.87 -5.45
N LEU A 252 -8.10 5.97 -6.68
CA LEU A 252 -7.95 7.29 -7.29
C LEU A 252 -9.32 7.88 -7.59
N PRO A 253 -10.26 7.12 -8.16
CA PRO A 253 -11.63 7.67 -8.32
C PRO A 253 -12.20 8.24 -7.04
N LEU A 254 -12.03 7.54 -5.91
CA LEU A 254 -12.52 8.06 -4.64
C LEU A 254 -11.84 9.37 -4.28
N LEU A 255 -10.51 9.42 -4.40
CA LEU A 255 -9.79 10.61 -3.97
C LEU A 255 -10.04 11.77 -4.92
N LEU A 256 -10.15 11.49 -6.22
CA LEU A 256 -10.49 12.54 -7.18
C LEU A 256 -11.86 13.13 -6.88
N THR A 257 -12.80 12.30 -6.42
CA THR A 257 -14.09 12.83 -5.98
C THR A 257 -13.90 13.83 -4.85
N ALA A 258 -13.08 13.45 -3.85
CA ALA A 258 -12.81 14.35 -2.74
C ALA A 258 -12.15 15.63 -3.22
N VAL A 259 -11.24 15.53 -4.19
CA VAL A 259 -10.60 16.74 -4.72
C VAL A 259 -11.65 17.64 -5.37
N SER A 260 -12.51 17.06 -6.20
N SER A 260 -12.52 17.07 -6.18
CA SER A 260 -13.56 17.82 -6.85
CA SER A 260 -13.53 17.88 -6.86
C SER A 260 -14.43 18.55 -5.83
C SER A 260 -14.56 18.46 -5.90
N GLU A 261 -14.64 17.95 -4.66
CA GLU A 261 -15.48 18.53 -3.64
C GLU A 261 -14.74 19.50 -2.72
N GLY A 262 -13.46 19.74 -2.96
CA GLY A 262 -12.71 20.66 -2.14
C GLY A 262 -12.25 20.12 -0.80
N ARG A 263 -12.30 18.80 -0.60
CA ARG A 263 -11.88 18.24 0.66
C ARG A 263 -10.36 18.24 0.80
N LEU A 264 -9.65 18.20 -0.33
CA LEU A 264 -8.21 18.31 -0.40
C LEU A 264 -7.91 18.79 -1.81
N SER A 265 -6.70 19.29 -2.01
CA SER A 265 -6.33 19.84 -3.31
C SER A 265 -5.71 18.76 -4.19
N LEU A 266 -5.63 19.07 -5.49
CA LEU A 266 -4.92 18.18 -6.39
C LEU A 266 -3.48 18.00 -5.94
N ASP A 267 -2.82 19.08 -5.53
CA ASP A 267 -1.47 18.96 -5.01
C ASP A 267 -1.44 18.08 -3.77
N ASP A 268 -2.38 18.28 -2.84
CA ASP A 268 -2.42 17.42 -1.66
C ASP A 268 -2.40 15.95 -2.09
N LEU A 269 -3.18 15.63 -3.12
CA LEU A 269 -3.27 14.25 -3.59
C LEU A 269 -1.96 13.79 -4.20
N LEU A 270 -1.31 14.63 -5.01
CA LEU A 270 -0.08 14.25 -5.68
C LEU A 270 1.10 14.14 -4.71
N GLN A 271 1.12 14.95 -3.65
CA GLN A 271 2.12 14.74 -2.61
C GLN A 271 1.99 13.33 -2.03
N ARG A 272 0.77 12.87 -1.84
CA ARG A 272 0.50 11.66 -1.08
C ARG A 272 0.51 10.41 -1.95
N LEU A 273 0.38 10.54 -3.27
CA LEU A 273 0.42 9.38 -4.16
C LEU A 273 1.59 9.44 -5.14
N HIS A 274 2.54 10.35 -4.97
CA HIS A 274 3.67 10.44 -5.89
C HIS A 274 4.92 10.90 -5.15
N HIS A 275 4.94 12.14 -4.69
CA HIS A 275 6.19 12.71 -4.17
C HIS A 275 6.61 12.06 -2.87
N ASN A 276 5.70 11.91 -1.92
CA ASN A 276 6.11 11.39 -0.61
C ASN A 276 6.42 9.90 -0.70
N PRO A 277 5.66 9.09 -1.46
CA PRO A 277 6.10 7.70 -1.67
C PRO A 277 7.50 7.61 -2.27
N ARG A 278 7.78 8.45 -3.27
CA ARG A 278 9.12 8.51 -3.84
C ARG A 278 10.18 8.72 -2.78
N ARG A 279 9.99 9.74 -1.94
CA ARG A 279 11.06 10.18 -1.06
C ARG A 279 11.20 9.31 0.18
N ILE A 280 10.11 8.71 0.66
CA ILE A 280 10.21 7.85 1.83
C ILE A 280 10.88 6.53 1.48
N PHE A 281 10.55 5.98 0.31
CA PHE A 281 11.05 4.68 -0.09
C PHE A 281 12.17 4.77 -1.11
N HIS A 282 12.62 5.97 -1.45
CA HIS A 282 13.73 6.15 -2.39
C HIS A 282 13.42 5.49 -3.72
N LEU A 283 12.21 5.74 -4.21
CA LEU A 283 11.79 5.11 -5.46
C LEU A 283 12.17 6.00 -6.64
N PRO A 284 12.63 5.40 -7.73
CA PRO A 284 13.13 6.20 -8.86
C PRO A 284 11.99 6.76 -9.69
N PRO A 285 12.25 7.83 -10.44
CA PRO A 285 11.27 8.29 -11.43
C PRO A 285 11.05 7.25 -12.51
N GLN A 286 9.92 7.39 -13.20
CA GLN A 286 9.54 6.54 -14.31
C GLN A 286 9.58 7.40 -15.56
N GLU A 287 10.50 7.09 -16.48
CA GLU A 287 10.62 7.85 -17.72
C GLU A 287 9.34 7.77 -18.54
N ASP A 288 8.99 8.89 -19.17
CA ASP A 288 7.85 8.99 -20.09
CA ASP A 288 7.86 8.96 -20.10
C ASP A 288 6.64 8.22 -19.55
N THR A 289 6.25 8.58 -18.33
CA THR A 289 5.16 7.92 -17.63
C THR A 289 4.21 8.96 -17.07
N TYR A 290 2.92 8.81 -17.37
CA TYR A 290 1.94 9.76 -16.86
C TYR A 290 0.55 9.15 -16.97
N VAL A 291 -0.41 9.81 -16.32
CA VAL A 291 -1.78 9.34 -16.18
C VAL A 291 -2.69 10.49 -16.56
N GLU A 292 -3.66 10.23 -17.43
CA GLU A 292 -4.64 11.22 -17.84
C GLU A 292 -5.97 10.87 -17.18
N VAL A 293 -6.51 11.81 -16.40
CA VAL A 293 -7.77 11.58 -15.70
C VAL A 293 -8.80 12.59 -16.16
N ASP A 294 -10.06 12.20 -16.04
CA ASP A 294 -11.23 13.01 -16.37
C ASP A 294 -11.96 13.27 -15.07
N LEU A 295 -12.13 14.54 -14.73
CA LEU A 295 -12.75 14.92 -13.46
C LEU A 295 -14.22 15.27 -13.60
N GLU A 296 -14.77 15.21 -14.81
CA GLU A 296 -16.14 15.64 -15.06
C GLU A 296 -17.14 14.50 -14.99
N HIS A 297 -16.74 13.28 -15.31
CA HIS A 297 -17.67 12.18 -15.56
C HIS A 297 -18.04 11.53 -14.23
N GLU A 298 -19.35 11.47 -13.96
CA GLU A 298 -19.88 10.91 -12.73
C GLU A 298 -20.32 9.47 -12.98
N TRP A 299 -20.02 8.60 -12.03
CA TRP A 299 -20.43 7.20 -12.15
C TRP A 299 -20.52 6.58 -10.77
N THR A 300 -21.15 5.41 -10.73
CA THR A 300 -21.43 4.69 -9.49
C THR A 300 -20.58 3.44 -9.46
N ILE A 301 -19.91 3.19 -8.34
CA ILE A 301 -19.02 2.02 -8.25
CA ILE A 301 -19.03 2.03 -8.24
C ILE A 301 -19.85 0.75 -8.34
N PRO A 302 -19.52 -0.17 -9.26
CA PRO A 302 -20.34 -1.38 -9.40
C PRO A 302 -20.01 -2.46 -8.39
N SER A 303 -20.63 -3.64 -8.55
CA SER A 303 -20.42 -4.72 -7.60
C SER A 303 -19.02 -5.34 -7.71
N HIS A 304 -18.36 -5.23 -8.85
CA HIS A 304 -16.95 -5.56 -8.91
C HIS A 304 -16.28 -4.68 -9.95
N MET A 305 -15.01 -4.37 -9.71
CA MET A 305 -14.20 -3.65 -10.69
C MET A 305 -13.67 -4.64 -11.72
N PRO A 306 -13.30 -4.17 -12.92
CA PRO A 306 -13.02 -5.12 -14.01
C PRO A 306 -11.85 -6.08 -13.80
N PHE A 307 -10.81 -5.70 -13.05
CA PHE A 307 -9.55 -6.45 -13.14
C PHE A 307 -9.16 -7.28 -11.93
N SER A 308 -9.34 -6.78 -10.71
CA SER A 308 -8.93 -7.57 -9.55
C SER A 308 -9.69 -8.88 -9.52
N LYS A 309 -8.97 -9.97 -9.28
CA LYS A 309 -9.61 -11.28 -9.14
C LYS A 309 -10.46 -11.38 -7.89
N ALA A 310 -10.36 -10.42 -6.98
CA ALA A 310 -11.25 -10.41 -5.82
C ALA A 310 -12.71 -10.44 -6.27
N HIS A 311 -13.02 -9.69 -7.34
CA HIS A 311 -14.34 -9.74 -7.99
C HIS A 311 -15.44 -9.29 -7.03
N TRP A 312 -15.12 -8.32 -6.19
CA TRP A 312 -16.09 -7.65 -5.32
C TRP A 312 -15.42 -6.34 -4.88
N THR A 313 -16.22 -5.45 -4.28
CA THR A 313 -15.61 -4.25 -3.70
C THR A 313 -16.49 -3.69 -2.59
N PRO A 314 -15.92 -3.23 -1.47
CA PRO A 314 -16.74 -2.66 -0.40
C PRO A 314 -17.34 -1.31 -0.75
N PHE A 315 -16.88 -0.67 -1.83
CA PHE A 315 -17.35 0.65 -2.20
C PHE A 315 -18.53 0.61 -3.16
N GLU A 316 -19.07 -0.57 -3.45
CA GLU A 316 -20.22 -0.67 -4.32
C GLU A 316 -21.28 0.33 -3.91
N GLY A 317 -21.83 1.04 -4.90
CA GLY A 317 -22.92 1.96 -4.66
C GLY A 317 -22.49 3.39 -4.44
N GLN A 318 -21.21 3.65 -4.15
CA GLN A 318 -20.75 5.02 -3.96
C GLN A 318 -20.64 5.73 -5.30
N LYS A 319 -21.10 6.97 -5.33
CA LYS A 319 -21.00 7.83 -6.49
C LYS A 319 -19.65 8.53 -6.48
N VAL A 320 -18.94 8.46 -7.61
CA VAL A 320 -17.62 9.05 -7.74
C VAL A 320 -17.63 9.97 -8.95
N LYS A 321 -16.70 10.92 -8.94
CA LYS A 321 -16.52 11.89 -10.02
C LYS A 321 -15.02 11.92 -10.24
N GLY A 322 -14.57 11.28 -11.33
CA GLY A 322 -13.15 11.07 -11.55
C GLY A 322 -12.92 9.71 -12.16
N THR A 323 -12.27 9.68 -13.32
CA THR A 323 -12.04 8.47 -14.08
C THR A 323 -10.64 8.47 -14.66
N VAL A 324 -9.97 7.32 -14.56
CA VAL A 324 -8.70 7.12 -15.25
C VAL A 324 -9.01 6.85 -16.72
N ARG A 325 -8.58 7.75 -17.59
CA ARG A 325 -8.81 7.62 -19.02
C ARG A 325 -7.66 6.98 -19.77
N ARG A 326 -6.42 7.33 -19.44
CA ARG A 326 -5.28 6.80 -20.17
C ARG A 326 -4.05 6.78 -19.27
N VAL A 327 -3.26 5.72 -19.40
CA VAL A 327 -2.00 5.58 -18.69
C VAL A 327 -0.91 5.27 -19.71
N VAL A 328 0.15 6.07 -19.68
CA VAL A 328 1.35 5.83 -20.48
C VAL A 328 2.45 5.42 -19.53
N LEU A 329 3.09 4.28 -19.81
CA LEU A 329 4.16 3.77 -18.95
C LEU A 329 5.39 3.54 -19.81
N GLN A 330 6.47 4.25 -19.53
N GLN A 330 6.45 4.27 -19.54
CA GLN A 330 7.73 4.10 -20.23
CA GLN A 330 7.72 4.10 -20.23
C GLN A 330 7.53 4.24 -21.75
C GLN A 330 7.51 4.22 -21.74
N GLY A 331 6.72 5.22 -22.14
CA GLY A 331 6.54 5.55 -23.53
C GLY A 331 5.55 4.69 -24.29
N GLU A 332 4.85 3.78 -23.62
CA GLU A 332 3.87 2.92 -24.26
C GLU A 332 2.51 3.12 -23.62
N VAL A 333 1.45 3.09 -24.42
CA VAL A 333 0.11 3.11 -23.86
C VAL A 333 -0.12 1.82 -23.08
N ALA A 334 -0.35 1.95 -21.77
CA ALA A 334 -0.55 0.80 -20.91
C ALA A 334 -2.01 0.55 -20.58
N TYR A 335 -2.86 1.58 -20.65
CA TYR A 335 -4.25 1.45 -20.28
C TYR A 335 -5.04 2.55 -20.97
N ILE A 336 -6.17 2.20 -21.56
CA ILE A 336 -7.08 3.16 -22.17
CA ILE A 336 -7.08 3.20 -22.12
C ILE A 336 -8.52 2.70 -21.94
N ASP A 337 -9.29 3.48 -21.20
CA ASP A 337 -10.74 3.31 -21.08
C ASP A 337 -11.14 1.85 -20.88
N GLY A 338 -10.46 1.20 -19.94
CA GLY A 338 -10.83 -0.13 -19.53
C GLY A 338 -10.02 -1.24 -20.16
N GLN A 339 -9.12 -0.92 -21.09
CA GLN A 339 -8.32 -1.92 -21.79
C GLN A 339 -6.88 -1.79 -21.35
N VAL A 340 -6.33 -2.86 -20.79
CA VAL A 340 -4.90 -2.93 -20.50
C VAL A 340 -4.19 -3.39 -21.77
N LEU A 341 -3.12 -2.68 -22.13
CA LEU A 341 -2.48 -2.85 -23.42
C LEU A 341 -1.00 -3.21 -23.33
N VAL A 342 -0.48 -3.41 -22.13
CA VAL A 342 0.89 -3.93 -21.96
C VAL A 342 0.77 -5.34 -21.38
N PRO A 343 1.63 -6.27 -21.81
CA PRO A 343 1.47 -7.66 -21.41
C PRO A 343 2.06 -7.91 -20.03
N PRO A 344 1.71 -9.03 -19.41
CA PRO A 344 2.46 -9.46 -18.22
C PRO A 344 3.94 -9.55 -18.55
N GLY A 345 4.76 -9.04 -17.64
CA GLY A 345 6.19 -8.96 -17.84
C GLY A 345 6.69 -7.62 -18.32
N TYR A 346 5.79 -6.70 -18.70
CA TYR A 346 6.21 -5.37 -19.11
C TYR A 346 6.83 -4.61 -17.94
N GLY A 347 6.40 -4.92 -16.71
CA GLY A 347 6.89 -4.21 -15.54
C GLY A 347 8.25 -4.70 -15.10
N GLN A 348 8.96 -3.83 -14.39
CA GLN A 348 10.31 -4.13 -13.95
CA GLN A 348 10.33 -4.10 -13.97
C GLN A 348 10.49 -3.80 -12.48
N ASP A 349 11.51 -4.43 -11.89
CA ASP A 349 11.92 -4.23 -10.51
C ASP A 349 12.73 -2.93 -10.43
N VAL A 350 12.15 -1.89 -9.83
CA VAL A 350 12.82 -0.60 -9.82
C VAL A 350 14.09 -0.61 -8.99
N ARG A 351 14.23 -1.54 -8.05
CA ARG A 351 15.45 -1.61 -7.25
C ARG A 351 16.65 -2.11 -8.05
N LYS A 352 16.44 -2.63 -9.25
CA LYS A 352 17.52 -3.07 -10.12
C LYS A 352 17.96 -1.96 -11.07
N TRP A 353 17.21 -0.88 -11.15
CA TRP A 353 17.64 0.29 -11.90
C TRP A 353 18.76 1.00 -11.14
N PRO A 354 19.78 1.53 -11.83
CA PRO A 354 20.85 2.24 -11.10
C PRO A 354 20.31 3.35 -10.22
N GLN A 355 19.31 4.07 -10.72
CA GLN A 355 18.71 5.16 -9.96
C GLN A 355 17.71 4.68 -8.92
N GLY A 356 17.49 3.38 -8.83
CA GLY A 356 16.57 2.82 -7.84
C GLY A 356 17.24 2.27 -6.59
N ALA A 357 18.57 2.20 -6.60
CA ALA A 357 19.31 1.80 -5.40
C ALA A 357 19.25 2.91 -4.37
N VAL A 358 19.19 2.52 -3.09
CA VAL A 358 19.12 3.50 -2.01
C VAL A 358 20.53 4.00 -1.72
N PRO A 359 20.78 5.31 -1.81
CA PRO A 359 22.14 5.81 -1.54
C PRO A 359 22.57 5.46 -0.12
N GLN A 360 23.85 5.11 0.02
CA GLN A 360 24.38 4.81 1.35
C GLN A 360 25.84 5.22 1.40
N LEU A 361 26.31 5.44 2.63
CA LEU A 361 27.71 5.76 2.85
C LEU A 361 28.57 4.51 2.64
N PRO A 362 29.80 4.68 2.13
CA PRO A 362 30.66 3.51 1.91
C PRO A 362 31.01 2.78 3.20
C2 FOT B . -5.90 -7.03 6.09
C6 FOT B . -3.56 -7.05 6.89
C5 FOT B . -3.28 -8.04 5.86
O2 FOT B . -7.03 -6.58 6.19
N3 FOT B . -5.52 -7.95 5.18
N1 FOT B . -4.87 -6.62 6.90
O6 FOT B . -2.73 -6.61 7.67
F5 FOT B . -2.02 -8.48 5.81
C4 FOT B . -4.25 -8.47 5.04
C41 FOT B . -4.14 -9.50 3.91
O42 FOT B . -5.22 -9.85 3.42
O41 FOT B . -2.99 -9.83 3.61
HN3 FOT B . -6.10 -8.27 4.63
HN1 FOT B . -5.07 -6.04 7.50
ZN ZN C . -1.37 -4.90 4.09
ZN ZN D . -1.53 -4.52 7.38
C FMT E . 10.23 13.44 -5.10
O1 FMT E . 9.59 13.77 -6.10
O2 FMT E . 11.30 12.83 -5.18
H FMT E . 9.85 13.67 -4.10
C FMT F . 11.04 4.32 7.35
O1 FMT F . 11.10 5.46 7.78
O2 FMT F . 12.01 3.56 7.35
H FMT F . 10.08 3.99 6.94
C FMT G . 23.98 5.23 4.94
O1 FMT G . 23.71 6.37 5.27
O2 FMT G . 24.76 4.52 5.59
H FMT G . 23.49 4.76 4.08
HO2 FMT G . 25.18 4.88 6.40
C1 GOL H . 13.61 1.45 -17.44
O1 GOL H . 13.34 0.92 -18.71
C2 GOL H . 14.67 2.55 -17.66
O2 GOL H . 14.15 3.67 -18.29
C3 GOL H . 15.18 2.86 -16.24
O3 GOL H . 16.59 2.74 -16.29
H11 GOL H . 13.94 0.80 -16.82
H12 GOL H . 12.82 1.85 -17.04
H2 GOL H . 15.39 2.23 -18.23
HO2 GOL H . 14.77 4.26 -18.32
H31 GOL H . 14.77 2.23 -15.62
H32 GOL H . 14.87 3.74 -15.98
HO3 GOL H . 16.88 3.40 -16.74
C FMT I . 12.73 10.31 -15.72
O1 FMT I . 13.84 10.49 -15.21
O2 FMT I . 12.10 11.23 -16.23
H FMT I . 12.29 9.32 -15.72
HO2 FMT I . 12.48 12.13 -16.26
C FMT J . 9.56 -1.13 -20.19
O1 FMT J . 10.12 -1.35 -21.27
O2 FMT J . 10.06 -0.40 -19.34
H FMT J . 8.57 -1.53 -19.99
HO2 FMT J . 10.95 -0.01 -19.49
#